data_4KFR
#
_entry.id   4KFR
#
_cell.length_a   193.571
_cell.length_b   59.604
_cell.length_c   77.561
_cell.angle_alpha   90.00
_cell.angle_beta   111.08
_cell.angle_gamma   90.00
#
_symmetry.space_group_name_H-M   'C 1 2 1'
#
loop_
_entity.id
_entity.type
_entity.pdbx_description
1 polymer 'Genome packaging NTPase B204'
2 non-polymer 'SULFATE ION'
3 non-polymer 'MAGNESIUM ION'
4 water water
#
_entity_poly.entity_id   1
_entity_poly.type   'polypeptide(L)'
_entity_poly.pdbx_seq_one_letter_code
;MNPDDIVVLVGRKKSGKSYLIKHYFIPVLKAHKISYIIDDHNLLRSGSEYSKFGYNATSLSDIVSKQYVVVYDRAKNDDF
FEKLWQASKLHSKKYGTTVLIIDEAYYHFKYKQKVTPAIDEALHANRHAGLGLILSTQRVYDLMPIVYKQADLIIMFYTR
EPNELRWISKYISAEAAEKVKTLKQYHFLIYDVNSQTIKIHKPILEHHHHHH
;
_entity_poly.pdbx_strand_id   A,B,C
#
# COMPACT_ATOMS: atom_id res chain seq x y z
C MET A 1 9.26 6.17 -5.11
N ASN A 2 9.74 6.09 -3.88
CA ASN A 2 10.37 7.25 -3.22
C ASN A 2 10.45 7.16 -1.69
N PRO A 3 9.34 6.83 -1.00
CA PRO A 3 9.48 6.74 0.45
C PRO A 3 10.51 5.71 0.92
N ASP A 4 10.73 4.63 0.18
CA ASP A 4 11.77 3.69 0.59
C ASP A 4 13.09 3.88 -0.17
N ASP A 5 13.26 5.04 -0.78
CA ASP A 5 14.54 5.41 -1.38
C ASP A 5 15.58 5.67 -0.29
N ILE A 6 16.85 5.59 -0.68
CA ILE A 6 17.97 6.08 0.14
C ILE A 6 18.42 7.40 -0.48
N VAL A 7 18.32 8.47 0.31
CA VAL A 7 18.69 9.81 -0.13
C VAL A 7 19.82 10.30 0.75
N VAL A 8 20.85 10.86 0.12
CA VAL A 8 21.99 11.41 0.85
C VAL A 8 22.02 12.92 0.60
N LEU A 9 22.12 13.70 1.67
CA LEU A 9 22.28 15.15 1.55
C LEU A 9 23.69 15.55 1.99
N VAL A 10 24.40 16.32 1.15
CA VAL A 10 25.79 16.67 1.43
C VAL A 10 26.06 18.17 1.31
N GLY A 11 26.67 18.74 2.35
CA GLY A 11 26.99 20.16 2.32
C GLY A 11 27.47 20.67 3.67
N ARG A 12 28.41 21.62 3.64
CA ARG A 12 28.94 22.20 4.88
C ARG A 12 27.83 22.88 5.69
N LYS A 13 28.10 23.12 6.97
CA LYS A 13 27.12 23.80 7.84
C LYS A 13 26.55 25.05 7.19
N LYS A 14 25.26 25.26 7.40
CA LYS A 14 24.51 26.38 6.82
C LYS A 14 24.29 26.32 5.30
N SER A 15 24.51 25.15 4.71
CA SER A 15 24.20 24.94 3.30
C SER A 15 22.68 24.96 3.07
N GLY A 16 21.91 24.60 4.08
CA GLY A 16 20.47 24.49 3.95
C GLY A 16 19.89 23.07 3.99
N LYS A 17 20.65 22.13 4.56
CA LYS A 17 20.21 20.74 4.59
C LYS A 17 18.96 20.55 5.44
N SER A 18 18.98 21.08 6.66
CA SER A 18 17.88 20.86 7.59
C SER A 18 16.62 21.58 7.08
N TYR A 19 16.81 22.71 6.44
CA TYR A 19 15.71 23.44 5.82
C TYR A 19 15.08 22.59 4.71
N LEU A 20 15.91 21.90 3.94
CA LEU A 20 15.39 20.94 2.97
C LEU A 20 14.58 19.84 3.66
N ILE A 21 15.13 19.27 4.73
CA ILE A 21 14.41 18.24 5.48
C ILE A 21 13.04 18.76 5.93
N LYS A 22 13.03 19.95 6.51
CA LYS A 22 11.81 20.50 7.09
C LYS A 22 10.79 21.01 6.07
N HIS A 23 11.24 21.55 4.94
CA HIS A 23 10.31 22.16 3.99
C HIS A 23 10.25 21.54 2.61
N TYR A 24 10.98 20.45 2.41
CA TYR A 24 11.01 19.77 1.11
C TYR A 24 10.68 18.30 1.29
N PHE A 25 11.40 17.60 2.17
CA PHE A 25 11.15 16.17 2.41
C PHE A 25 9.96 15.86 3.31
N ILE A 26 9.98 16.38 4.55
CA ILE A 26 8.91 16.10 5.49
C ILE A 26 7.47 16.45 5.04
N PRO A 27 7.28 17.64 4.42
CA PRO A 27 5.91 17.95 3.99
C PRO A 27 5.39 16.94 2.97
N VAL A 28 6.26 16.48 2.08
CA VAL A 28 5.90 15.49 1.06
C VAL A 28 5.54 14.13 1.69
N LEU A 29 6.26 13.74 2.73
CA LEU A 29 5.96 12.50 3.45
C LEU A 29 4.61 12.60 4.15
N LYS A 30 4.36 13.74 4.79
CA LYS A 30 3.12 13.94 5.52
C LYS A 30 1.90 13.95 4.59
N ALA A 31 2.08 14.50 3.39
CA ALA A 31 1.00 14.54 2.40
C ALA A 31 0.63 13.15 1.92
N HIS A 32 1.61 12.26 1.87
CA HIS A 32 1.35 10.88 1.47
C HIS A 32 1.13 9.96 2.68
N LYS A 33 0.90 10.56 3.84
CA LYS A 33 0.69 9.82 5.09
C LYS A 33 1.80 8.81 5.42
N ILE A 34 3.03 9.13 5.03
CA ILE A 34 4.21 8.31 5.32
C ILE A 34 4.83 8.77 6.62
N SER A 35 5.07 7.84 7.55
CA SER A 35 5.60 8.23 8.85
C SER A 35 7.11 8.38 8.78
N TYR A 36 7.70 8.92 9.84
CA TYR A 36 9.14 9.12 9.86
C TYR A 36 9.68 9.11 11.27
N ILE A 37 10.98 8.88 11.37
CA ILE A 37 11.71 8.81 12.62
C ILE A 37 12.91 9.68 12.41
N ILE A 38 13.06 10.70 13.24
CA ILE A 38 14.19 11.60 13.11
C ILE A 38 15.22 11.29 14.18
N ASP A 39 16.45 11.06 13.72
CA ASP A 39 17.54 10.73 14.60
C ASP A 39 18.40 11.98 14.74
N ASP A 40 18.27 12.67 15.86
CA ASP A 40 19.01 13.93 16.03
C ASP A 40 19.98 13.84 17.18
N HIS A 41 21.23 14.18 16.91
CA HIS A 41 22.26 14.04 17.92
C HIS A 41 22.36 15.23 18.86
N ASN A 42 21.48 15.26 19.84
CA ASN A 42 21.50 16.21 20.94
C ASN A 42 20.84 15.53 22.15
N LEU A 43 21.12 16.00 23.35
CA LEU A 43 20.52 15.42 24.55
C LEU A 43 19.14 16.03 24.81
N GLY A 47 17.94 21.80 22.38
CA GLY A 47 16.85 20.83 22.45
C GLY A 47 16.27 20.43 21.11
N SER A 48 17.14 20.30 20.11
CA SER A 48 16.77 19.81 18.77
C SER A 48 15.81 20.71 17.97
N GLU A 49 16.23 21.10 16.78
CA GLU A 49 15.37 21.88 15.90
C GLU A 49 14.14 21.12 15.41
N TYR A 50 14.06 19.82 15.71
CA TYR A 50 12.99 18.99 15.16
C TYR A 50 11.83 18.68 16.11
N SER A 51 11.84 19.29 17.29
CA SER A 51 10.85 18.95 18.33
C SER A 51 9.37 19.11 17.95
N LYS A 52 9.07 19.99 17.00
CA LYS A 52 7.67 20.14 16.56
C LYS A 52 7.24 19.07 15.56
N PHE A 53 8.19 18.27 15.09
CA PHE A 53 7.89 17.32 14.02
C PHE A 53 7.51 15.92 14.48
N GLY A 54 7.65 15.65 15.78
CA GLY A 54 7.27 14.35 16.29
C GLY A 54 7.36 14.22 17.80
N TYR A 55 6.96 13.06 18.29
CA TYR A 55 7.04 12.76 19.71
C TYR A 55 8.50 12.71 20.16
N ASN A 56 8.78 13.30 21.33
CA ASN A 56 10.11 13.25 21.94
C ASN A 56 10.35 11.86 22.56
N ALA A 57 10.89 10.94 21.77
CA ALA A 57 11.09 9.58 22.26
C ALA A 57 12.15 9.54 23.37
N THR A 58 11.87 8.83 24.45
CA THR A 58 12.85 8.65 25.53
C THR A 58 13.30 7.19 25.64
N SER A 59 12.63 6.30 24.91
CA SER A 59 12.92 4.88 24.94
C SER A 59 12.84 4.31 23.52
N LEU A 60 13.40 3.12 23.30
CA LEU A 60 13.22 2.45 22.02
C LEU A 60 11.75 2.13 21.79
N SER A 61 11.02 1.82 22.86
CA SER A 61 9.61 1.49 22.68
C SER A 61 8.77 2.67 22.15
N ASP A 62 9.18 3.90 22.44
CA ASP A 62 8.49 5.08 21.88
C ASP A 62 8.71 5.15 20.38
N ILE A 63 9.90 4.75 19.95
CA ILE A 63 10.22 4.70 18.52
C ILE A 63 9.27 3.79 17.77
N VAL A 64 8.95 2.64 18.35
CA VAL A 64 8.08 1.68 17.71
C VAL A 64 6.62 2.15 17.72
N SER A 65 6.17 2.72 18.84
CA SER A 65 4.74 2.96 19.05
C SER A 65 4.20 4.31 18.55
N LYS A 66 5.07 5.30 18.40
CA LYS A 66 4.62 6.64 17.98
C LYS A 66 4.78 6.83 16.47
N GLN A 67 3.78 7.43 15.84
CA GLN A 67 3.76 7.57 14.39
C GLN A 67 4.86 8.48 13.85
N TYR A 68 5.03 9.62 14.48
CA TYR A 68 6.09 10.56 14.13
C TYR A 68 6.98 10.69 15.35
N VAL A 69 8.25 10.38 15.18
CA VAL A 69 9.16 10.33 16.33
C VAL A 69 10.47 11.06 16.11
N VAL A 70 10.92 11.71 17.17
CA VAL A 70 12.24 12.32 17.21
C VAL A 70 13.03 11.60 18.27
N VAL A 71 14.15 10.99 17.87
CA VAL A 71 15.02 10.25 18.76
C VAL A 71 16.14 11.15 19.21
N TYR A 72 16.33 11.26 20.51
CA TYR A 72 17.41 12.06 21.05
C TYR A 72 18.63 11.17 21.25
N ASP A 73 19.51 11.22 20.25
CA ASP A 73 20.59 10.27 20.12
C ASP A 73 21.88 10.89 20.67
N ARG A 74 21.95 10.97 21.99
CA ARG A 74 23.13 11.49 22.68
C ARG A 74 23.44 10.60 23.87
N ALA A 75 24.73 10.34 24.10
CA ALA A 75 25.19 9.51 25.22
C ALA A 75 24.64 8.08 25.20
N LYS A 76 24.36 7.56 24.01
CA LYS A 76 23.91 6.18 23.87
C LYS A 76 25.11 5.25 23.84
N ASN A 77 24.89 3.97 24.15
CA ASN A 77 25.94 2.96 24.03
C ASN A 77 26.49 2.91 22.61
N ASP A 78 27.64 2.25 22.46
CA ASP A 78 28.33 2.23 21.18
C ASP A 78 27.54 1.49 20.11
N ASP A 79 26.67 0.57 20.52
CA ASP A 79 25.88 -0.18 19.53
C ASP A 79 24.48 0.39 19.35
N PHE A 80 24.32 1.70 19.50
CA PHE A 80 22.97 2.26 19.41
C PHE A 80 22.35 2.08 18.04
N PHE A 81 23.12 2.18 16.96
CA PHE A 81 22.48 2.12 15.64
C PHE A 81 21.72 0.82 15.41
N GLU A 82 22.29 -0.30 15.82
CA GLU A 82 21.58 -1.55 15.61
C GLU A 82 20.28 -1.61 16.43
N LYS A 83 20.25 -0.93 17.58
CA LYS A 83 19.02 -0.87 18.37
C LYS A 83 17.97 0.05 17.72
N LEU A 84 18.41 1.21 17.26
CA LEU A 84 17.60 2.15 16.49
C LEU A 84 17.01 1.46 15.25
N TRP A 85 17.85 0.70 14.57
CA TRP A 85 17.44 -0.03 13.36
C TRP A 85 16.38 -1.09 13.65
N GLN A 86 16.61 -1.90 14.68
CA GLN A 86 15.61 -2.86 15.15
C GLN A 86 14.27 -2.17 15.47
N ALA A 87 14.33 -1.11 16.25
CA ALA A 87 13.11 -0.37 16.63
C ALA A 87 12.42 0.23 15.41
N SER A 88 13.20 0.76 14.47
CA SER A 88 12.63 1.34 13.24
C SER A 88 11.93 0.28 12.38
N LYS A 89 12.52 -0.90 12.27
CA LYS A 89 11.88 -1.99 11.53
C LYS A 89 10.53 -2.34 12.18
N LEU A 90 10.52 -2.42 13.51
CA LEU A 90 9.30 -2.72 14.25
C LEU A 90 8.28 -1.59 14.12
N HIS A 91 8.78 -0.36 14.06
CA HIS A 91 7.92 0.77 13.79
C HIS A 91 7.26 0.60 12.42
N SER A 92 8.07 0.25 11.42
CA SER A 92 7.57 0.02 10.06
C SER A 92 6.50 -1.08 9.97
N LYS A 93 6.65 -2.17 10.73
CA LYS A 93 5.60 -3.19 10.77
C LYS A 93 4.28 -2.56 11.22
N LYS A 94 4.36 -1.61 12.14
CA LYS A 94 3.15 -1.00 12.68
C LYS A 94 2.56 0.08 11.76
N TYR A 95 3.41 0.88 11.13
CA TYR A 95 2.95 2.06 10.38
C TYR A 95 3.12 2.00 8.87
N GLY A 96 3.62 0.88 8.36
CA GLY A 96 3.93 0.82 6.95
C GLY A 96 5.24 1.51 6.66
N THR A 97 5.56 1.66 5.37
CA THR A 97 6.83 2.20 4.93
C THR A 97 7.15 3.52 5.64
N THR A 98 8.36 3.62 6.17
CA THR A 98 8.73 4.70 7.07
C THR A 98 10.09 5.24 6.64
N VAL A 99 10.33 6.52 6.84
CA VAL A 99 11.62 7.09 6.52
C VAL A 99 12.40 7.39 7.80
N LEU A 100 13.60 6.81 7.88
CA LEU A 100 14.53 7.09 8.97
C LEU A 100 15.42 8.23 8.51
N ILE A 101 15.29 9.36 9.20
CA ILE A 101 15.98 10.58 8.82
C ILE A 101 17.14 10.82 9.79
N ILE A 102 18.36 10.82 9.27
CA ILE A 102 19.53 10.91 10.15
C ILE A 102 20.25 12.22 9.94
N ASP A 103 20.21 13.07 10.97
CA ASP A 103 20.68 14.45 10.82
C ASP A 103 22.18 14.55 10.58
N GLU A 104 22.97 13.69 11.22
CA GLU A 104 24.38 13.61 10.90
C GLU A 104 24.80 12.15 10.72
N ALA A 105 24.86 11.72 9.46
CA ALA A 105 25.09 10.33 9.11
C ALA A 105 26.45 9.79 9.52
N TYR A 106 27.45 10.65 9.72
CA TYR A 106 28.77 10.14 10.09
C TYR A 106 28.81 9.40 11.42
N TYR A 107 27.81 9.60 12.26
CA TYR A 107 27.77 8.86 13.52
C TYR A 107 27.50 7.38 13.33
N HIS A 108 26.96 6.99 12.17
CA HIS A 108 26.50 5.63 12.01
C HIS A 108 27.01 4.97 10.75
N PHE A 109 27.44 5.78 9.79
CA PHE A 109 27.93 5.32 8.50
C PHE A 109 29.30 5.91 8.19
N LYS A 110 30.13 6.06 9.22
CA LYS A 110 31.44 6.66 9.02
C LYS A 110 32.35 5.83 8.11
N TYR A 111 33.11 6.53 7.28
CA TYR A 111 34.10 5.92 6.40
C TYR A 111 35.10 5.09 7.22
N LYS A 112 35.35 3.87 6.74
CA LYS A 112 36.32 2.92 7.30
C LYS A 112 35.85 2.13 8.52
N GLN A 113 34.63 2.40 9.01
CA GLN A 113 34.08 1.64 10.14
C GLN A 113 33.69 0.22 9.74
N LYS A 114 33.58 -0.64 10.76
CA LYS A 114 33.16 -2.02 10.54
C LYS A 114 31.73 -2.02 10.00
N VAL A 115 31.50 -2.80 8.94
CA VAL A 115 30.15 -2.98 8.45
C VAL A 115 29.44 -4.02 9.33
N THR A 116 28.46 -3.56 10.10
CA THR A 116 27.66 -4.41 10.98
C THR A 116 26.46 -4.99 10.22
N PRO A 117 25.81 -6.02 10.80
CA PRO A 117 24.61 -6.54 10.13
C PRO A 117 23.53 -5.46 9.90
N ALA A 118 23.37 -4.52 10.85
CA ALA A 118 22.39 -3.45 10.69
C ALA A 118 22.76 -2.50 9.55
N ILE A 119 24.04 -2.15 9.43
CA ILE A 119 24.48 -1.31 8.32
C ILE A 119 24.31 -1.99 6.98
N ASP A 120 24.74 -3.25 6.90
CA ASP A 120 24.54 -4.03 5.70
C ASP A 120 23.06 -4.04 5.26
N GLU A 121 22.16 -4.25 6.22
CA GLU A 121 20.74 -4.32 5.90
C GLU A 121 20.18 -2.97 5.43
N ALA A 122 20.66 -1.90 6.05
CA ALA A 122 20.19 -0.56 5.71
C ALA A 122 20.64 -0.13 4.32
N LEU A 123 21.82 -0.56 3.93
CA LEU A 123 22.33 -0.16 2.63
C LEU A 123 21.95 -1.12 1.49
N HIS A 124 21.76 -2.39 1.81
CA HIS A 124 21.50 -3.41 0.77
C HIS A 124 20.10 -4.02 0.75
N ALA A 125 19.34 -3.87 1.83
CA ALA A 125 18.02 -4.48 1.91
C ALA A 125 17.00 -3.58 2.60
N ASN A 126 17.14 -2.27 2.46
CA ASN A 126 16.25 -1.35 3.18
C ASN A 126 14.81 -1.43 2.73
N ARG A 127 14.58 -1.67 1.44
CA ARG A 127 13.20 -1.70 0.93
C ARG A 127 12.43 -2.87 1.53
N HIS A 128 13.08 -4.02 1.57
CA HIS A 128 12.48 -5.20 2.17
C HIS A 128 12.20 -4.94 3.66
N ALA A 129 13.09 -4.20 4.31
CA ALA A 129 12.94 -3.85 5.72
C ALA A 129 11.84 -2.79 5.91
N GLY A 130 11.38 -2.20 4.81
CA GLY A 130 10.30 -1.24 4.88
C GLY A 130 10.74 0.14 5.37
N LEU A 131 12.00 0.49 5.12
CA LEU A 131 12.52 1.77 5.60
C LEU A 131 13.28 2.54 4.53
N GLY A 132 12.85 3.76 4.25
CA GLY A 132 13.68 4.66 3.47
C GLY A 132 14.71 5.35 4.37
N LEU A 133 15.72 5.96 3.78
CA LEU A 133 16.75 6.67 4.53
C LEU A 133 17.00 8.06 3.97
N ILE A 134 17.08 9.05 4.85
CA ILE A 134 17.68 10.32 4.50
C ILE A 134 18.91 10.51 5.39
N LEU A 135 20.08 10.42 4.77
CA LEU A 135 21.35 10.56 5.47
C LEU A 135 21.96 11.93 5.16
N SER A 136 22.03 12.78 6.17
CA SER A 136 22.57 14.13 5.98
C SER A 136 24.01 14.15 6.47
N THR A 137 24.90 14.82 5.74
CA THR A 137 26.29 14.94 6.19
C THR A 137 26.97 16.21 5.69
N GLN A 138 28.07 16.60 6.33
CA GLN A 138 28.73 17.87 6.00
C GLN A 138 29.72 17.75 4.86
N ARG A 139 30.53 16.70 4.90
CA ARG A 139 31.59 16.49 3.92
C ARG A 139 31.36 15.16 3.22
N VAL A 140 31.45 15.16 1.89
CA VAL A 140 31.16 13.95 1.14
C VAL A 140 32.02 12.75 1.55
N TYR A 141 33.26 13.01 1.95
CA TYR A 141 34.23 11.94 2.20
C TYR A 141 34.15 11.38 3.61
N ASP A 142 33.11 11.76 4.35
CA ASP A 142 32.98 11.27 5.71
C ASP A 142 32.20 9.98 5.80
N LEU A 143 31.49 9.64 4.73
CA LEU A 143 30.67 8.44 4.72
C LEU A 143 31.32 7.29 3.93
N MET A 144 30.95 6.06 4.27
CA MET A 144 31.38 4.90 3.50
C MET A 144 30.98 5.06 2.05
N PRO A 145 31.91 4.83 1.13
CA PRO A 145 31.68 4.88 -0.31
C PRO A 145 30.47 4.07 -0.75
N ILE A 146 30.18 2.96 -0.08
CA ILE A 146 29.03 2.14 -0.47
C ILE A 146 27.72 2.88 -0.31
N VAL A 147 27.68 3.85 0.61
CA VAL A 147 26.50 4.68 0.76
C VAL A 147 26.16 5.30 -0.59
N TYR A 148 27.17 5.82 -1.27
CA TYR A 148 26.95 6.51 -2.54
C TYR A 148 26.57 5.58 -3.70
N LYS A 149 27.05 4.35 -3.63
CA LYS A 149 26.69 3.35 -4.64
C LYS A 149 25.25 2.87 -4.44
N GLN A 150 24.81 2.79 -3.19
CA GLN A 150 23.48 2.26 -2.89
C GLN A 150 22.39 3.33 -2.87
N ALA A 151 22.79 4.59 -2.83
CA ALA A 151 21.84 5.69 -2.80
C ALA A 151 20.99 5.71 -4.07
N ASP A 152 19.76 6.19 -3.94
CA ASP A 152 18.94 6.43 -5.10
C ASP A 152 19.11 7.87 -5.56
N LEU A 153 19.23 8.78 -4.61
CA LEU A 153 19.42 10.20 -4.92
C LEU A 153 20.54 10.77 -4.08
N ILE A 154 21.44 11.53 -4.69
CA ILE A 154 22.44 12.24 -3.94
C ILE A 154 22.30 13.73 -4.20
N ILE A 155 22.01 14.45 -3.14
CA ILE A 155 21.77 15.87 -3.21
C ILE A 155 22.97 16.61 -2.64
N MET A 156 23.52 17.52 -3.42
CA MET A 156 24.77 18.19 -3.05
C MET A 156 24.63 19.70 -3.12
N PHE A 157 25.05 20.38 -2.07
CA PHE A 157 25.16 21.84 -2.11
C PHE A 157 26.58 22.22 -2.52
N TYR A 158 26.81 23.52 -2.69
CA TYR A 158 28.08 24.07 -3.14
C TYR A 158 29.29 23.59 -2.32
N THR A 159 30.35 23.24 -3.04
CA THR A 159 31.68 23.07 -2.45
C THR A 159 32.75 23.26 -3.54
N ARG A 160 33.89 23.81 -3.15
CA ARG A 160 35.05 23.87 -4.04
C ARG A 160 36.23 23.11 -3.43
N GLU A 161 36.01 22.44 -2.31
CA GLU A 161 37.08 21.72 -1.62
C GLU A 161 37.56 20.53 -2.49
N PRO A 162 38.85 20.55 -2.88
CA PRO A 162 39.36 19.60 -3.87
C PRO A 162 39.24 18.12 -3.47
N ASN A 163 39.49 17.76 -2.21
CA ASN A 163 39.37 16.38 -1.81
C ASN A 163 37.90 15.93 -1.90
N GLU A 164 36.96 16.85 -1.65
CA GLU A 164 35.55 16.53 -1.79
C GLU A 164 35.18 16.33 -3.26
N LEU A 165 35.70 17.20 -4.12
CA LEU A 165 35.42 17.10 -5.55
C LEU A 165 35.98 15.78 -6.10
N ARG A 166 37.14 15.40 -5.59
CA ARG A 166 37.80 14.14 -5.95
C ARG A 166 36.88 12.96 -5.66
N TRP A 167 36.29 12.97 -4.46
CA TRP A 167 35.33 11.93 -4.06
C TRP A 167 34.11 11.91 -4.94
N ILE A 168 33.55 13.08 -5.16
CA ILE A 168 32.38 13.20 -6.03
C ILE A 168 32.71 12.60 -7.38
N SER A 169 33.84 13.00 -7.97
CA SER A 169 34.25 12.47 -9.27
CA SER A 169 34.24 12.48 -9.27
C SER A 169 34.37 10.95 -9.26
N LYS A 170 35.01 10.42 -8.23
CA LYS A 170 35.27 8.99 -8.16
C LYS A 170 34.06 8.11 -7.86
N TYR A 171 33.24 8.53 -6.89
CA TYR A 171 32.17 7.66 -6.39
C TYR A 171 30.79 8.08 -6.90
N ILE A 172 30.70 9.24 -7.54
CA ILE A 172 29.40 9.71 -7.99
C ILE A 172 29.38 10.01 -9.48
N SER A 173 30.00 11.11 -9.88
CA SER A 173 30.02 11.52 -11.28
C SER A 173 31.01 12.65 -11.51
N ALA A 174 31.77 12.56 -12.59
CA ALA A 174 32.72 13.61 -12.92
C ALA A 174 32.01 14.89 -13.33
N GLU A 175 30.81 14.75 -13.89
CA GLU A 175 30.05 15.91 -14.31
C GLU A 175 29.45 16.61 -13.10
N ALA A 176 29.00 15.81 -12.14
CA ALA A 176 28.49 16.34 -10.88
C ALA A 176 29.57 17.16 -10.20
N ALA A 177 30.80 16.64 -10.20
CA ALA A 177 31.91 17.34 -9.57
C ALA A 177 32.13 18.72 -10.17
N GLU A 178 32.06 18.81 -11.50
CA GLU A 178 32.21 20.11 -12.15
C GLU A 178 31.13 21.09 -11.73
N LYS A 179 29.89 20.63 -11.70
CA LYS A 179 28.76 21.53 -11.50
C LYS A 179 28.56 22.00 -10.05
N VAL A 180 28.96 21.17 -9.10
CA VAL A 180 28.83 21.49 -7.68
C VAL A 180 29.66 22.73 -7.35
N LYS A 181 30.74 22.94 -8.10
CA LYS A 181 31.62 24.10 -7.88
C LYS A 181 30.95 25.42 -8.15
N THR A 182 29.99 25.44 -9.06
CA THR A 182 29.38 26.72 -9.45
C THR A 182 27.97 26.92 -8.91
N LEU A 183 27.57 26.12 -7.93
CA LEU A 183 26.28 26.31 -7.28
C LEU A 183 26.26 27.61 -6.50
N LYS A 184 25.18 28.36 -6.62
CA LYS A 184 24.96 29.52 -5.78
C LYS A 184 24.37 29.02 -4.47
N GLN A 185 24.53 29.80 -3.40
CA GLN A 185 24.05 29.38 -2.08
C GLN A 185 22.57 29.03 -2.10
N TYR A 186 22.21 27.94 -1.41
CA TYR A 186 20.82 27.43 -1.31
C TYR A 186 20.31 26.69 -2.55
N HIS A 187 21.04 26.79 -3.67
CA HIS A 187 20.75 25.96 -4.82
C HIS A 187 21.34 24.59 -4.54
N PHE A 188 20.80 23.54 -5.15
CA PHE A 188 21.38 22.20 -4.97
C PHE A 188 21.34 21.32 -6.21
N LEU A 189 22.36 20.48 -6.35
CA LEU A 189 22.40 19.53 -7.45
C LEU A 189 21.79 18.21 -7.00
N ILE A 190 20.87 17.69 -7.79
CA ILE A 190 20.26 16.39 -7.51
C ILE A 190 20.83 15.37 -8.48
N TYR A 191 21.52 14.37 -7.93
CA TYR A 191 22.07 13.33 -8.78
C TYR A 191 21.26 12.06 -8.61
N ASP A 192 20.58 11.65 -9.69
CA ASP A 192 19.82 10.41 -9.67
C ASP A 192 20.76 9.28 -10.02
N VAL A 193 21.09 8.47 -9.02
CA VAL A 193 22.05 7.40 -9.18
C VAL A 193 21.52 6.31 -10.12
N ASN A 194 20.20 6.19 -10.20
CA ASN A 194 19.61 5.15 -11.03
C ASN A 194 19.62 5.49 -12.52
N SER A 195 19.13 6.69 -12.85
CA SER A 195 19.14 7.14 -14.24
C SER A 195 20.45 7.82 -14.64
N GLN A 196 21.34 8.00 -13.65
CA GLN A 196 22.61 8.72 -13.86
C GLN A 196 22.43 10.10 -14.48
N THR A 197 21.47 10.85 -13.96
CA THR A 197 21.19 12.19 -14.44
C THR A 197 21.44 13.25 -13.34
N ILE A 198 21.54 14.50 -13.77
CA ILE A 198 21.83 15.63 -12.90
C ILE A 198 20.79 16.71 -13.10
N LYS A 199 20.15 17.16 -12.03
CA LYS A 199 19.26 18.29 -12.10
C LYS A 199 19.66 19.36 -11.08
N ILE A 200 19.82 20.60 -11.54
CA ILE A 200 20.09 21.72 -10.63
C ILE A 200 18.76 22.30 -10.14
N HIS A 201 18.62 22.44 -8.84
CA HIS A 201 17.35 22.86 -8.26
C HIS A 201 17.47 24.24 -7.60
N LYS A 202 16.46 25.09 -7.80
CA LYS A 202 16.42 26.42 -7.22
C LYS A 202 16.17 26.31 -5.71
N PRO A 203 16.52 27.37 -4.95
CA PRO A 203 16.32 27.35 -3.48
C PRO A 203 14.91 26.99 -3.08
N ILE A 204 14.76 26.23 -2.00
CA ILE A 204 13.44 25.93 -1.44
C ILE A 204 12.93 27.07 -0.56
N LEU A 205 11.65 27.40 -0.70
CA LEU A 205 11.03 28.43 0.12
C LEU A 205 10.01 27.77 1.04
N GLU A 206 9.01 27.15 0.45
CA GLU A 206 8.04 26.36 1.21
C GLU A 206 7.37 25.32 0.33
N HIS A 207 6.86 24.28 0.97
CA HIS A 207 6.17 23.25 0.21
C HIS A 207 4.79 23.75 -0.24
N HIS A 208 4.45 23.39 -1.47
CA HIS A 208 3.14 23.70 -2.05
C HIS A 208 2.45 22.41 -2.54
N MET B 1 8.19 -21.71 4.62
CA MET B 1 6.92 -20.98 4.68
C MET B 1 5.97 -21.46 3.62
N ASN B 2 6.54 -22.20 2.66
CA ASN B 2 5.91 -22.53 1.37
C ASN B 2 4.48 -22.02 1.08
N PRO B 3 3.41 -22.63 1.66
CA PRO B 3 2.09 -22.08 1.33
C PRO B 3 1.72 -20.71 1.93
N ASP B 4 2.63 -20.10 2.68
CA ASP B 4 2.41 -18.74 3.12
C ASP B 4 3.13 -17.81 2.15
N ASP B 5 3.95 -18.38 1.26
CA ASP B 5 4.90 -17.59 0.49
C ASP B 5 4.27 -16.79 -0.64
N ILE B 6 4.84 -15.62 -0.86
CA ILE B 6 4.65 -14.89 -2.08
C ILE B 6 5.87 -15.25 -2.94
N VAL B 7 5.62 -15.89 -4.07
CA VAL B 7 6.68 -16.25 -5.00
C VAL B 7 6.54 -15.45 -6.31
N VAL B 8 7.65 -14.86 -6.76
CA VAL B 8 7.66 -14.18 -8.05
C VAL B 8 8.60 -14.91 -9.02
N LEU B 9 8.04 -15.28 -10.17
CA LEU B 9 8.70 -16.12 -11.14
C LEU B 9 8.94 -15.25 -12.37
N VAL B 10 10.21 -15.02 -12.72
CA VAL B 10 10.57 -14.09 -13.78
C VAL B 10 11.39 -14.78 -14.85
N GLY B 11 11.01 -14.58 -16.12
CA GLY B 11 11.76 -15.17 -17.22
C GLY B 11 11.04 -14.91 -18.52
N ARG B 12 11.80 -14.64 -19.59
CA ARG B 12 11.20 -14.37 -20.89
C ARG B 12 10.41 -15.59 -21.36
N LYS B 13 9.49 -15.40 -22.30
CA LYS B 13 8.70 -16.52 -22.80
C LYS B 13 9.62 -17.65 -23.25
N LYS B 14 9.16 -18.88 -23.03
CA LYS B 14 9.89 -20.11 -23.35
C LYS B 14 11.04 -20.42 -22.37
N SER B 15 11.16 -19.64 -21.30
CA SER B 15 12.17 -19.92 -20.27
C SER B 15 11.90 -21.20 -19.51
N GLY B 16 10.63 -21.58 -19.44
CA GLY B 16 10.23 -22.75 -18.64
C GLY B 16 9.39 -22.43 -17.40
N LYS B 17 8.80 -21.23 -17.34
CA LYS B 17 8.01 -20.85 -16.17
C LYS B 17 6.79 -21.77 -15.97
N SER B 18 6.04 -22.02 -17.02
CA SER B 18 4.85 -22.85 -16.87
C SER B 18 5.22 -24.30 -16.60
N TYR B 19 6.35 -24.75 -17.14
CA TYR B 19 6.80 -26.11 -16.86
C TYR B 19 7.07 -26.24 -15.36
N LEU B 20 7.67 -25.20 -14.80
CA LEU B 20 7.91 -25.13 -13.36
C LEU B 20 6.59 -25.18 -12.59
N ILE B 21 5.61 -24.41 -13.03
CA ILE B 21 4.30 -24.41 -12.36
C ILE B 21 3.70 -25.81 -12.34
N LYS B 22 3.77 -26.50 -13.48
CA LYS B 22 3.15 -27.81 -13.66
C LYS B 22 3.91 -28.98 -13.02
N HIS B 23 5.23 -28.89 -12.95
CA HIS B 23 6.02 -30.05 -12.51
C HIS B 23 6.89 -29.81 -11.29
N TYR B 24 6.82 -28.60 -10.75
CA TYR B 24 7.65 -28.23 -9.62
C TYR B 24 6.79 -27.67 -8.49
N PHE B 25 5.98 -26.66 -8.80
CA PHE B 25 5.11 -26.06 -7.79
C PHE B 25 3.84 -26.87 -7.50
N ILE B 26 3.02 -27.11 -8.51
CA ILE B 26 1.75 -27.81 -8.31
C ILE B 26 1.85 -29.22 -7.66
N PRO B 27 2.78 -30.08 -8.14
CA PRO B 27 2.92 -31.39 -7.46
C PRO B 27 3.25 -31.29 -5.97
N VAL B 28 4.06 -30.31 -5.59
CA VAL B 28 4.40 -30.14 -4.18
C VAL B 28 3.18 -29.68 -3.38
N LEU B 29 2.44 -28.71 -3.91
CA LEU B 29 1.15 -28.31 -3.33
C LEU B 29 0.20 -29.49 -3.13
N LYS B 30 0.03 -30.30 -4.16
CA LYS B 30 -0.83 -31.48 -4.07
C LYS B 30 -0.32 -32.50 -3.04
N ALA B 31 1.00 -32.66 -2.95
CA ALA B 31 1.59 -33.58 -1.98
C ALA B 31 1.30 -33.16 -0.55
N HIS B 32 1.13 -31.86 -0.33
CA HIS B 32 0.89 -31.39 1.03
C HIS B 32 -0.55 -30.95 1.21
N LYS B 33 -1.42 -31.46 0.34
CA LYS B 33 -2.86 -31.14 0.37
C LYS B 33 -3.17 -29.65 0.43
N ILE B 34 -2.41 -28.86 -0.30
CA ILE B 34 -2.70 -27.45 -0.45
C ILE B 34 -3.48 -27.25 -1.73
N SER B 35 -4.61 -26.57 -1.65
CA SER B 35 -5.41 -26.33 -2.84
C SER B 35 -4.89 -25.12 -3.63
N TYR B 36 -5.40 -24.93 -4.84
CA TYR B 36 -4.88 -23.84 -5.65
C TYR B 36 -5.88 -23.30 -6.66
N ILE B 37 -5.61 -22.07 -7.10
CA ILE B 37 -6.41 -21.35 -8.07
C ILE B 37 -5.44 -20.84 -9.12
N ILE B 38 -5.69 -21.18 -10.39
CA ILE B 38 -4.78 -20.77 -11.45
C ILE B 38 -5.48 -19.73 -12.33
N ASP B 39 -4.89 -18.53 -12.36
CA ASP B 39 -5.40 -17.42 -13.15
C ASP B 39 -4.65 -17.32 -14.47
N ASP B 40 -5.35 -17.62 -15.57
CA ASP B 40 -4.74 -17.67 -16.89
C ASP B 40 -5.37 -16.66 -17.85
N HIS B 41 -4.54 -15.97 -18.64
CA HIS B 41 -5.06 -14.91 -19.48
C HIS B 41 -5.62 -15.51 -20.78
N ASN B 42 -6.76 -16.19 -20.64
CA ASN B 42 -7.44 -16.80 -21.79
C ASN B 42 -8.97 -16.76 -21.63
N LEU B 43 -9.69 -16.77 -22.75
CA LEU B 43 -11.14 -17.00 -22.74
C LEU B 43 -11.38 -18.50 -22.57
N LEU B 44 -12.48 -18.87 -21.92
CA LEU B 44 -12.82 -20.30 -21.77
C LEU B 44 -12.84 -21.05 -23.12
N ARG B 45 -13.38 -20.39 -24.14
CA ARG B 45 -13.48 -21.03 -25.44
C ARG B 45 -12.12 -21.34 -26.07
N SER B 46 -11.05 -20.72 -25.57
CA SER B 46 -9.71 -20.97 -26.09
C SER B 46 -9.00 -22.12 -25.38
N GLY B 47 -9.52 -22.52 -24.22
CA GLY B 47 -8.86 -23.53 -23.44
C GLY B 47 -7.61 -22.99 -22.79
N SER B 48 -6.88 -23.86 -22.10
CA SER B 48 -5.72 -23.43 -21.33
C SER B 48 -4.76 -24.59 -21.18
N GLU B 49 -3.46 -24.31 -21.16
CA GLU B 49 -2.51 -25.37 -20.89
C GLU B 49 -2.67 -25.94 -19.48
N TYR B 50 -3.43 -25.25 -18.62
CA TYR B 50 -3.63 -25.67 -17.24
C TYR B 50 -4.95 -26.42 -17.00
N SER B 51 -5.69 -26.67 -18.06
CA SER B 51 -7.08 -27.10 -17.92
C SER B 51 -7.25 -28.47 -17.26
N LYS B 52 -6.21 -29.31 -17.31
CA LYS B 52 -6.31 -30.60 -16.64
C LYS B 52 -6.05 -30.50 -15.14
N PHE B 53 -5.60 -29.34 -14.68
CA PHE B 53 -5.25 -29.18 -13.26
C PHE B 53 -6.39 -28.77 -12.33
N GLY B 54 -7.59 -28.53 -12.88
CA GLY B 54 -8.71 -28.21 -12.02
C GLY B 54 -10.01 -27.96 -12.78
N TYR B 55 -11.06 -27.62 -12.05
CA TYR B 55 -12.34 -27.28 -12.65
C TYR B 55 -12.16 -26.00 -13.45
N ASN B 56 -12.65 -26.00 -14.68
CA ASN B 56 -12.47 -24.83 -15.55
C ASN B 56 -13.62 -23.83 -15.37
N ALA B 57 -13.32 -22.76 -14.61
CA ALA B 57 -14.39 -21.93 -14.05
C ALA B 57 -14.97 -20.96 -15.03
N THR B 58 -16.26 -20.69 -14.88
CA THR B 58 -16.94 -19.64 -15.63
C THR B 58 -17.17 -18.41 -14.75
N SER B 59 -17.54 -18.64 -13.48
CA SER B 59 -18.01 -17.58 -12.59
C SER B 59 -17.11 -17.46 -11.36
N LEU B 60 -17.23 -16.34 -10.65
CA LEU B 60 -16.52 -16.16 -9.39
C LEU B 60 -16.98 -17.18 -8.36
N SER B 61 -18.25 -17.58 -8.40
CA SER B 61 -18.72 -18.55 -7.41
C SER B 61 -18.05 -19.92 -7.59
N ASP B 62 -17.71 -20.24 -8.84
CA ASP B 62 -16.96 -21.45 -9.14
C ASP B 62 -15.62 -21.42 -8.41
N ILE B 63 -14.98 -20.25 -8.36
CA ILE B 63 -13.71 -20.12 -7.66
C ILE B 63 -13.86 -20.49 -6.19
N VAL B 64 -14.95 -20.00 -5.58
CA VAL B 64 -15.21 -20.27 -4.17
C VAL B 64 -15.44 -21.77 -3.92
N SER B 65 -16.21 -22.42 -4.78
CA SER B 65 -16.76 -23.73 -4.42
C SER B 65 -15.92 -24.91 -4.87
N LYS B 66 -15.00 -24.69 -5.81
CA LYS B 66 -14.22 -25.80 -6.36
C LYS B 66 -12.84 -25.83 -5.72
N GLN B 67 -12.40 -27.01 -5.32
CA GLN B 67 -11.13 -27.18 -4.61
C GLN B 67 -9.89 -26.84 -5.45
N TYR B 68 -9.86 -27.30 -6.69
CA TYR B 68 -8.81 -26.90 -7.63
C TYR B 68 -9.51 -26.26 -8.79
N VAL B 69 -9.05 -25.09 -9.20
CA VAL B 69 -9.82 -24.31 -10.17
C VAL B 69 -8.92 -23.50 -11.09
N VAL B 70 -9.35 -23.38 -12.35
CA VAL B 70 -8.66 -22.58 -13.34
C VAL B 70 -9.59 -21.45 -13.75
N VAL B 71 -9.07 -20.23 -13.68
CA VAL B 71 -9.84 -19.04 -13.94
C VAL B 71 -9.43 -18.45 -15.30
N TYR B 72 -10.42 -18.12 -16.11
CA TYR B 72 -10.18 -17.65 -17.46
C TYR B 72 -10.31 -16.13 -17.48
N ASP B 73 -9.18 -15.48 -17.20
CA ASP B 73 -9.13 -14.06 -16.88
C ASP B 73 -8.73 -13.31 -18.12
N ARG B 74 -9.65 -13.22 -19.06
CA ARG B 74 -9.43 -12.39 -20.23
C ARG B 74 -10.72 -11.64 -20.55
N ALA B 75 -10.60 -10.40 -21.01
CA ALA B 75 -11.76 -9.55 -21.28
C ALA B 75 -12.64 -9.31 -20.04
N LYS B 76 -12.02 -9.29 -18.86
CA LYS B 76 -12.69 -8.89 -17.63
C LYS B 76 -12.53 -7.39 -17.44
N ASN B 77 -13.28 -6.82 -16.49
CA ASN B 77 -13.15 -5.39 -16.17
C ASN B 77 -11.81 -5.09 -15.51
N ASP B 78 -11.43 -3.81 -15.48
CA ASP B 78 -10.09 -3.42 -15.07
C ASP B 78 -9.81 -3.74 -13.61
N ASP B 79 -10.86 -3.79 -12.79
CA ASP B 79 -10.72 -4.10 -11.38
C ASP B 79 -10.93 -5.59 -11.09
N PHE B 80 -10.66 -6.45 -12.08
CA PHE B 80 -10.93 -7.88 -11.87
C PHE B 80 -10.13 -8.44 -10.69
N PHE B 81 -8.91 -7.94 -10.48
CA PHE B 81 -8.09 -8.53 -9.42
C PHE B 81 -8.74 -8.49 -8.06
N GLU B 82 -9.35 -7.37 -7.70
CA GLU B 82 -10.01 -7.33 -6.39
C GLU B 82 -11.17 -8.33 -6.27
N LYS B 83 -11.83 -8.64 -7.37
CA LYS B 83 -12.89 -9.65 -7.33
C LYS B 83 -12.29 -11.06 -7.22
N LEU B 84 -11.23 -11.32 -7.98
CA LEU B 84 -10.51 -12.59 -7.89
C LEU B 84 -10.01 -12.80 -6.46
N TRP B 85 -9.52 -11.72 -5.86
CA TRP B 85 -8.99 -11.75 -4.49
C TRP B 85 -10.08 -12.06 -3.45
N GLN B 86 -11.21 -11.35 -3.53
CA GLN B 86 -12.38 -11.66 -2.70
C GLN B 86 -12.77 -13.15 -2.83
N ALA B 87 -12.92 -13.64 -4.06
CA ALA B 87 -13.34 -15.03 -4.29
C ALA B 87 -12.32 -16.03 -3.75
N SER B 88 -11.04 -15.72 -3.94
CA SER B 88 -9.97 -16.55 -3.43
C SER B 88 -9.97 -16.64 -1.91
N LYS B 89 -10.20 -15.51 -1.24
CA LYS B 89 -10.25 -15.50 0.22
C LYS B 89 -11.42 -16.35 0.70
N LEU B 90 -12.55 -16.24 0.01
CA LEU B 90 -13.71 -17.08 0.34
C LEU B 90 -13.44 -18.56 0.04
N HIS B 91 -12.70 -18.84 -1.02
CA HIS B 91 -12.30 -20.22 -1.34
C HIS B 91 -11.49 -20.77 -0.18
N SER B 92 -10.59 -19.93 0.32
CA SER B 92 -9.70 -20.30 1.42
C SER B 92 -10.48 -20.61 2.72
N LYS B 93 -11.60 -19.95 2.93
CA LYS B 93 -12.42 -20.22 4.12
C LYS B 93 -12.95 -21.64 4.04
N LYS B 94 -13.26 -22.07 2.83
CA LYS B 94 -13.86 -23.36 2.61
C LYS B 94 -12.80 -24.47 2.59
N TYR B 95 -11.67 -24.21 1.93
CA TYR B 95 -10.71 -25.28 1.68
C TYR B 95 -9.42 -25.17 2.50
N GLY B 96 -9.26 -24.09 3.27
CA GLY B 96 -8.02 -23.86 4.01
C GLY B 96 -6.86 -23.36 3.16
N THR B 97 -5.66 -23.82 3.48
CA THR B 97 -4.42 -23.53 2.74
C THR B 97 -4.60 -23.47 1.22
N THR B 98 -4.39 -22.29 0.64
CA THR B 98 -4.63 -22.08 -0.79
C THR B 98 -3.54 -21.22 -1.44
N VAL B 99 -3.09 -21.60 -2.62
CA VAL B 99 -2.11 -20.77 -3.35
C VAL B 99 -2.79 -20.24 -4.62
N LEU B 100 -2.79 -18.92 -4.78
CA LEU B 100 -3.31 -18.29 -6.00
C LEU B 100 -2.15 -18.10 -6.99
N ILE B 101 -2.28 -18.69 -8.16
CA ILE B 101 -1.21 -18.71 -9.14
C ILE B 101 -1.60 -17.83 -10.32
N ILE B 102 -0.80 -16.81 -10.61
CA ILE B 102 -1.13 -15.87 -11.66
C ILE B 102 -0.13 -16.00 -12.80
N ASP B 103 -0.59 -16.60 -13.90
CA ASP B 103 0.28 -16.97 -15.00
C ASP B 103 0.95 -15.78 -15.70
N GLU B 104 0.24 -14.65 -15.78
CA GLU B 104 0.89 -13.42 -16.27
C GLU B 104 0.47 -12.25 -15.39
N ALA B 105 1.34 -11.90 -14.45
CA ALA B 105 1.02 -10.93 -13.41
C ALA B 105 0.96 -9.50 -13.92
N TYR B 106 1.52 -9.28 -15.11
CA TYR B 106 1.47 -7.98 -15.79
C TYR B 106 0.08 -7.36 -15.84
N TYR B 107 -0.95 -8.17 -16.08
CA TYR B 107 -2.30 -7.59 -16.21
C TYR B 107 -2.85 -6.94 -14.94
N HIS B 108 -2.44 -7.45 -13.77
CA HIS B 108 -2.99 -6.96 -12.51
C HIS B 108 -1.99 -6.23 -11.63
N PHE B 109 -0.70 -6.40 -11.91
CA PHE B 109 0.37 -5.84 -11.08
C PHE B 109 1.36 -5.02 -11.91
N LYS B 110 0.86 -4.44 -13.00
CA LYS B 110 1.67 -3.71 -13.97
C LYS B 110 2.45 -2.56 -13.35
N TYR B 111 3.68 -2.36 -13.81
CA TYR B 111 4.49 -1.23 -13.37
C TYR B 111 3.73 0.08 -13.55
N LYS B 112 3.67 0.88 -12.49
CA LYS B 112 2.97 2.17 -12.49
C LYS B 112 1.44 2.08 -12.42
N GLN B 113 0.92 0.85 -12.35
CA GLN B 113 -0.51 0.65 -12.10
C GLN B 113 -0.79 1.09 -10.65
N LYS B 114 -2.01 1.52 -10.37
CA LYS B 114 -2.37 1.98 -9.03
C LYS B 114 -2.37 0.84 -8.01
N VAL B 115 -1.80 1.08 -6.85
CA VAL B 115 -1.87 0.11 -5.76
C VAL B 115 -3.24 0.18 -5.09
N THR B 116 -3.98 -0.92 -5.17
CA THR B 116 -5.33 -0.99 -4.63
C THR B 116 -5.31 -1.63 -3.25
N PRO B 117 -6.43 -1.54 -2.52
CA PRO B 117 -6.51 -2.29 -1.26
C PRO B 117 -6.27 -3.79 -1.45
N ALA B 118 -6.73 -4.37 -2.55
CA ALA B 118 -6.53 -5.81 -2.77
C ALA B 118 -5.05 -6.15 -2.95
N ILE B 119 -4.35 -5.33 -3.73
CA ILE B 119 -2.92 -5.55 -3.96
C ILE B 119 -2.14 -5.37 -2.67
N ASP B 120 -2.54 -4.37 -1.89
CA ASP B 120 -1.92 -4.10 -0.61
C ASP B 120 -2.14 -5.26 0.34
N GLU B 121 -3.35 -5.82 0.35
CA GLU B 121 -3.62 -6.96 1.22
C GLU B 121 -2.85 -8.21 0.76
N ALA B 122 -2.85 -8.46 -0.54
CA ALA B 122 -2.18 -9.63 -1.08
C ALA B 122 -0.67 -9.59 -0.81
N LEU B 123 -0.09 -8.40 -0.90
CA LEU B 123 1.37 -8.25 -0.71
C LEU B 123 1.84 -8.04 0.74
N HIS B 124 0.99 -7.47 1.59
CA HIS B 124 1.35 -7.24 3.00
C HIS B 124 0.69 -8.19 4.00
N ALA B 125 -0.47 -8.73 3.66
CA ALA B 125 -1.21 -9.54 4.61
C ALA B 125 -1.73 -10.86 4.03
N ASN B 126 -0.96 -11.48 3.13
CA ASN B 126 -1.46 -12.70 2.49
C ASN B 126 -1.69 -13.83 3.49
N ARG B 127 -0.83 -13.89 4.51
CA ARG B 127 -0.94 -14.89 5.56
C ARG B 127 -2.29 -14.84 6.28
N HIS B 128 -2.70 -13.65 6.70
CA HIS B 128 -3.98 -13.49 7.40
C HIS B 128 -5.18 -13.81 6.48
N ALA B 129 -4.97 -13.66 5.18
CA ALA B 129 -6.00 -13.89 4.18
C ALA B 129 -6.14 -15.38 3.89
N GLY B 130 -5.11 -16.14 4.24
CA GLY B 130 -5.09 -17.57 4.03
C GLY B 130 -4.64 -17.96 2.63
N LEU B 131 -3.94 -17.05 1.95
CA LEU B 131 -3.52 -17.28 0.56
C LEU B 131 -2.03 -17.11 0.32
N GLY B 132 -1.41 -18.10 -0.29
CA GLY B 132 -0.08 -17.92 -0.84
C GLY B 132 -0.28 -17.37 -2.25
N LEU B 133 0.81 -16.91 -2.88
CA LEU B 133 0.72 -16.30 -4.20
C LEU B 133 1.93 -16.62 -5.06
N ILE B 134 1.70 -17.07 -6.29
CA ILE B 134 2.77 -17.14 -7.28
C ILE B 134 2.45 -16.14 -8.41
N LEU B 135 3.35 -15.20 -8.65
CA LEU B 135 3.15 -14.16 -9.68
C LEU B 135 4.18 -14.38 -10.78
N SER B 136 3.73 -14.76 -11.98
CA SER B 136 4.66 -15.08 -13.06
C SER B 136 4.72 -13.92 -14.06
N THR B 137 5.91 -13.61 -14.56
CA THR B 137 6.04 -12.49 -15.49
C THR B 137 7.27 -12.64 -16.40
N GLN B 138 7.26 -11.94 -17.54
CA GLN B 138 8.34 -12.10 -18.52
C GLN B 138 9.60 -11.31 -18.17
N ARG B 139 9.45 -10.06 -17.73
CA ARG B 139 10.59 -9.20 -17.44
C ARG B 139 10.44 -8.60 -16.05
N VAL B 140 11.54 -8.43 -15.32
CA VAL B 140 11.45 -7.91 -13.97
C VAL B 140 10.78 -6.54 -13.96
N TYR B 141 11.12 -5.70 -14.94
CA TYR B 141 10.58 -4.33 -14.98
C TYR B 141 9.11 -4.22 -15.38
N ASP B 142 8.47 -5.36 -15.68
CA ASP B 142 7.06 -5.38 -16.08
C ASP B 142 6.14 -5.09 -14.92
N LEU B 143 6.59 -5.39 -13.69
CA LEU B 143 5.72 -5.31 -12.50
C LEU B 143 6.04 -4.14 -11.57
N MET B 144 5.04 -3.71 -10.80
CA MET B 144 5.25 -2.72 -9.76
C MET B 144 6.30 -3.18 -8.71
N PRO B 145 7.25 -2.30 -8.37
CA PRO B 145 8.37 -2.67 -7.50
C PRO B 145 7.99 -3.22 -6.15
N ILE B 146 6.83 -2.84 -5.62
CA ILE B 146 6.32 -3.36 -4.35
C ILE B 146 6.26 -4.91 -4.34
N VAL B 147 6.08 -5.51 -5.51
CA VAL B 147 6.05 -6.96 -5.62
C VAL B 147 7.37 -7.57 -5.16
N TYR B 148 8.48 -7.00 -5.58
CA TYR B 148 9.77 -7.53 -5.20
C TYR B 148 10.11 -7.24 -3.74
N LYS B 149 9.70 -6.08 -3.23
CA LYS B 149 9.92 -5.76 -1.82
C LYS B 149 9.23 -6.74 -0.87
N GLN B 150 8.04 -7.18 -1.26
CA GLN B 150 7.21 -7.99 -0.37
C GLN B 150 7.30 -9.49 -0.63
N ALA B 151 7.98 -9.88 -1.71
CA ALA B 151 8.11 -11.29 -2.03
C ALA B 151 8.88 -12.06 -0.95
N ASP B 152 8.56 -13.33 -0.76
CA ASP B 152 9.39 -14.24 0.03
C ASP B 152 10.46 -14.92 -0.80
N LEU B 153 10.11 -15.25 -2.03
CA LEU B 153 11.04 -15.91 -2.95
C LEU B 153 10.92 -15.27 -4.33
N ILE B 154 12.06 -14.93 -4.93
CA ILE B 154 12.08 -14.48 -6.31
C ILE B 154 12.90 -15.46 -7.15
N ILE B 155 12.25 -16.05 -8.14
CA ILE B 155 12.91 -17.05 -8.97
C ILE B 155 13.14 -16.43 -10.35
N MET B 156 14.38 -16.51 -10.82
CA MET B 156 14.76 -15.90 -12.09
C MET B 156 15.53 -16.83 -13.04
N PHE B 157 15.11 -16.85 -14.30
CA PHE B 157 15.84 -17.53 -15.36
C PHE B 157 16.85 -16.55 -15.97
N TYR B 158 17.69 -17.07 -16.85
CA TYR B 158 18.73 -16.30 -17.52
C TYR B 158 18.25 -14.98 -18.09
N THR B 159 19.03 -13.94 -17.85
CA THR B 159 18.88 -12.69 -18.58
C THR B 159 20.18 -11.90 -18.48
N ARG B 160 20.48 -11.09 -19.50
CA ARG B 160 21.58 -10.15 -19.42
C ARG B 160 21.17 -8.83 -20.05
N GLU B 161 19.87 -8.56 -20.05
CA GLU B 161 19.39 -7.26 -20.49
C GLU B 161 19.71 -6.27 -19.37
N PRO B 162 20.41 -5.17 -19.71
CA PRO B 162 20.90 -4.19 -18.72
C PRO B 162 19.79 -3.54 -17.89
N ASN B 163 18.69 -3.18 -18.53
CA ASN B 163 17.55 -2.62 -17.83
C ASN B 163 16.97 -3.61 -16.81
N GLU B 164 17.02 -4.90 -17.14
CA GLU B 164 16.62 -5.92 -16.18
C GLU B 164 17.61 -6.10 -15.04
N LEU B 165 18.90 -6.12 -15.35
CA LEU B 165 19.93 -6.32 -14.33
C LEU B 165 19.93 -5.14 -13.36
N ARG B 166 19.56 -3.97 -13.87
CA ARG B 166 19.49 -2.77 -13.05
C ARG B 166 18.39 -2.93 -11.99
N TRP B 167 17.21 -3.38 -12.43
CA TRP B 167 16.08 -3.58 -11.53
C TRP B 167 16.40 -4.65 -10.53
N ILE B 168 17.03 -5.73 -11.00
CA ILE B 168 17.40 -6.82 -10.11
C ILE B 168 18.32 -6.30 -9.01
N SER B 169 19.33 -5.51 -9.40
CA SER B 169 20.31 -5.06 -8.42
C SER B 169 19.67 -4.08 -7.45
N LYS B 170 18.80 -3.22 -7.98
CA LYS B 170 18.11 -2.22 -7.18
C LYS B 170 17.08 -2.77 -6.18
N TYR B 171 16.27 -3.75 -6.61
CA TYR B 171 15.10 -4.13 -5.81
C TYR B 171 15.21 -5.52 -5.21
N ILE B 172 16.23 -6.25 -5.61
CA ILE B 172 16.37 -7.62 -5.17
C ILE B 172 17.73 -7.81 -4.50
N SER B 173 18.78 -7.77 -5.32
CA SER B 173 20.13 -8.13 -4.86
C SER B 173 21.14 -7.85 -5.97
N ALA B 174 22.28 -7.28 -5.61
CA ALA B 174 23.31 -7.00 -6.61
C ALA B 174 24.04 -8.30 -6.94
N GLU B 175 24.14 -9.20 -5.96
CA GLU B 175 24.70 -10.51 -6.21
C GLU B 175 23.79 -11.34 -7.13
N ALA B 176 22.47 -11.19 -6.98
CA ALA B 176 21.52 -11.92 -7.82
C ALA B 176 21.66 -11.48 -9.27
N ALA B 177 21.81 -10.18 -9.47
CA ALA B 177 22.01 -9.61 -10.81
C ALA B 177 23.27 -10.17 -11.47
N GLU B 178 24.31 -10.43 -10.68
CA GLU B 178 25.54 -10.98 -11.23
C GLU B 178 25.41 -12.44 -11.61
N LYS B 179 24.67 -13.22 -10.82
CA LYS B 179 24.60 -14.64 -11.09
C LYS B 179 23.55 -14.97 -12.14
N VAL B 180 22.58 -14.08 -12.32
CA VAL B 180 21.47 -14.40 -13.23
C VAL B 180 22.00 -14.44 -14.68
N LYS B 181 23.06 -13.71 -14.95
CA LYS B 181 23.59 -13.67 -16.31
C LYS B 181 24.53 -14.83 -16.63
N THR B 182 24.75 -15.71 -15.65
CA THR B 182 25.54 -16.89 -15.86
C THR B 182 24.69 -18.15 -15.93
N LEU B 183 23.37 -18.00 -15.80
CA LEU B 183 22.51 -19.17 -15.79
C LEU B 183 22.51 -19.87 -17.14
N LYS B 184 22.64 -21.20 -17.12
CA LYS B 184 22.44 -22.02 -18.30
C LYS B 184 20.94 -22.20 -18.55
N GLN B 185 20.58 -22.67 -19.74
CA GLN B 185 19.18 -22.80 -20.11
C GLN B 185 18.48 -23.79 -19.20
N TYR B 186 17.29 -23.43 -18.74
CA TYR B 186 16.44 -24.26 -17.89
C TYR B 186 16.89 -24.32 -16.42
N HIS B 187 18.07 -23.78 -16.13
CA HIS B 187 18.48 -23.57 -14.74
C HIS B 187 17.82 -22.29 -14.24
N PHE B 188 17.61 -22.18 -12.93
CA PHE B 188 17.02 -20.96 -12.37
C PHE B 188 17.62 -20.55 -11.04
N LEU B 189 17.68 -19.25 -10.81
CA LEU B 189 18.21 -18.72 -9.56
C LEU B 189 17.06 -18.53 -8.58
N ILE B 190 17.19 -19.10 -7.38
CA ILE B 190 16.19 -18.91 -6.33
C ILE B 190 16.71 -17.93 -5.29
N TYR B 191 16.10 -16.75 -5.24
CA TYR B 191 16.52 -15.75 -4.28
C TYR B 191 15.56 -15.73 -3.11
N ASP B 192 16.04 -16.17 -1.94
CA ASP B 192 15.22 -16.09 -0.72
C ASP B 192 15.32 -14.68 -0.17
N VAL B 193 14.24 -13.91 -0.34
CA VAL B 193 14.26 -12.50 0.03
C VAL B 193 14.40 -12.29 1.54
N ASN B 194 13.87 -13.22 2.31
CA ASN B 194 13.93 -13.09 3.77
C ASN B 194 15.33 -13.36 4.31
N SER B 195 15.94 -14.45 3.86
CA SER B 195 17.25 -14.78 4.37
C SER B 195 18.36 -14.14 3.53
N GLN B 196 17.97 -13.49 2.43
CA GLN B 196 18.88 -12.76 1.54
C GLN B 196 19.97 -13.67 0.96
N THR B 197 19.57 -14.88 0.57
CA THR B 197 20.51 -15.87 0.07
C THR B 197 20.11 -16.41 -1.31
N ILE B 198 21.10 -16.94 -2.03
CA ILE B 198 20.90 -17.44 -3.40
C ILE B 198 21.16 -18.93 -3.52
N LYS B 199 20.31 -19.63 -4.28
CA LYS B 199 20.58 -20.99 -4.69
C LYS B 199 20.37 -21.10 -6.20
N ILE B 200 21.23 -21.85 -6.87
CA ILE B 200 21.02 -22.15 -8.29
C ILE B 200 20.46 -23.57 -8.39
N HIS B 201 19.29 -23.68 -9.00
CA HIS B 201 18.62 -24.96 -9.12
C HIS B 201 18.84 -25.55 -10.52
N LYS B 202 18.97 -26.87 -10.58
CA LYS B 202 19.13 -27.58 -11.84
C LYS B 202 17.78 -27.62 -12.53
N PRO B 203 17.77 -27.98 -13.83
CA PRO B 203 16.49 -28.07 -14.55
C PRO B 203 15.52 -29.06 -13.96
N ILE B 204 14.23 -28.77 -14.12
CA ILE B 204 13.19 -29.65 -13.66
C ILE B 204 12.85 -30.71 -14.71
N LEU B 205 12.73 -31.97 -14.28
CA LEU B 205 12.25 -33.05 -15.15
C LEU B 205 10.84 -33.42 -14.75
N GLU B 206 10.69 -33.91 -13.53
CA GLU B 206 9.38 -34.23 -12.96
C GLU B 206 9.49 -34.32 -11.45
N HIS B 207 8.36 -34.24 -10.76
CA HIS B 207 8.37 -34.28 -9.31
C HIS B 207 8.40 -35.71 -8.78
N HIS B 208 9.33 -36.01 -7.87
CA HIS B 208 10.39 -35.09 -7.48
C HIS B 208 11.74 -35.72 -7.78
N MET C 1 -31.49 0.26 -0.77
CA MET C 1 -31.17 1.56 -1.35
C MET C 1 -31.27 1.48 -2.87
N ASN C 2 -32.03 2.33 -3.56
CA ASN C 2 -32.99 3.39 -3.09
C ASN C 2 -32.44 4.83 -2.91
N PRO C 3 -32.75 5.71 -3.89
CA PRO C 3 -32.07 6.98 -4.18
C PRO C 3 -31.99 8.00 -3.04
N ASP C 4 -32.95 8.02 -2.13
CA ASP C 4 -32.87 8.95 -1.01
C ASP C 4 -32.89 8.25 0.34
N ASP C 5 -32.57 6.95 0.33
CA ASP C 5 -32.42 6.19 1.55
C ASP C 5 -31.22 6.69 2.33
N ILE C 6 -31.28 6.52 3.64
CA ILE C 6 -30.11 6.68 4.48
C ILE C 6 -29.65 5.29 4.89
N VAL C 7 -28.42 4.96 4.49
CA VAL C 7 -27.86 3.64 4.76
C VAL C 7 -26.65 3.77 5.68
N VAL C 8 -26.61 2.96 6.72
CA VAL C 8 -25.43 2.94 7.60
C VAL C 8 -24.70 1.61 7.50
N LEU C 9 -23.37 1.65 7.32
CA LEU C 9 -22.56 0.44 7.26
C LEU C 9 -21.63 0.43 8.45
N VAL C 10 -21.64 -0.65 9.22
CA VAL C 10 -20.88 -0.71 10.45
C VAL C 10 -20.03 -1.96 10.50
N GLY C 11 -18.73 -1.79 10.75
CA GLY C 11 -17.86 -2.93 10.91
C GLY C 11 -16.39 -2.52 10.98
N ARG C 12 -15.61 -3.23 11.78
CA ARG C 12 -14.20 -2.88 11.93
C ARG C 12 -13.44 -2.99 10.61
N LYS C 13 -12.27 -2.36 10.54
CA LYS C 13 -11.43 -2.41 9.34
C LYS C 13 -11.30 -3.84 8.84
N LYS C 14 -11.30 -4.01 7.52
CA LYS C 14 -11.20 -5.32 6.86
C LYS C 14 -12.49 -6.16 6.88
N SER C 15 -13.57 -5.62 7.45
CA SER C 15 -14.88 -6.31 7.40
C SER C 15 -15.38 -6.49 5.98
N GLY C 16 -15.01 -5.56 5.10
CA GLY C 16 -15.54 -5.56 3.74
C GLY C 16 -16.52 -4.44 3.41
N LYS C 17 -16.54 -3.37 4.22
CA LYS C 17 -17.41 -2.22 3.93
C LYS C 17 -17.14 -1.56 2.56
N SER C 18 -15.88 -1.26 2.25
CA SER C 18 -15.59 -0.59 0.96
C SER C 18 -15.87 -1.52 -0.24
N TYR C 19 -15.69 -2.83 -0.06
CA TYR C 19 -16.04 -3.77 -1.12
C TYR C 19 -17.55 -3.73 -1.41
N LEU C 20 -18.35 -3.61 -0.35
CA LEU C 20 -19.80 -3.43 -0.51
C LEU C 20 -20.10 -2.15 -1.27
N ILE C 21 -19.43 -1.07 -0.92
CA ILE C 21 -19.69 0.18 -1.61
C ILE C 21 -19.41 0.00 -3.10
N LYS C 22 -18.30 -0.64 -3.40
CA LYS C 22 -17.85 -0.74 -4.80
C LYS C 22 -18.60 -1.76 -5.66
N HIS C 23 -19.04 -2.87 -5.06
CA HIS C 23 -19.60 -3.98 -5.82
C HIS C 23 -21.05 -4.34 -5.44
N TYR C 24 -21.61 -3.65 -4.47
CA TYR C 24 -22.99 -3.87 -4.06
C TYR C 24 -23.81 -2.59 -4.25
N PHE C 25 -23.33 -1.47 -3.70
CA PHE C 25 -24.10 -0.21 -3.78
C PHE C 25 -23.94 0.58 -5.08
N ILE C 26 -22.70 0.95 -5.40
CA ILE C 26 -22.44 1.75 -6.62
C ILE C 26 -22.95 1.13 -7.93
N PRO C 27 -22.74 -0.18 -8.15
CA PRO C 27 -23.27 -0.74 -9.40
C PRO C 27 -24.79 -0.58 -9.53
N VAL C 28 -25.51 -0.72 -8.42
CA VAL C 28 -26.96 -0.58 -8.41
C VAL C 28 -27.36 0.87 -8.65
N LEU C 29 -26.68 1.79 -7.98
CA LEU C 29 -26.88 3.22 -8.24
C LEU C 29 -26.72 3.55 -9.71
N LYS C 30 -25.64 3.06 -10.32
CA LYS C 30 -25.39 3.36 -11.73
C LYS C 30 -26.50 2.77 -12.62
N ALA C 31 -26.96 1.58 -12.26
CA ALA C 31 -28.00 0.91 -13.03
C ALA C 31 -29.37 1.58 -12.89
N HIS C 32 -29.56 2.35 -11.82
CA HIS C 32 -30.82 3.08 -11.66
C HIS C 32 -30.64 4.55 -11.99
N LYS C 33 -29.54 4.86 -12.67
CA LYS C 33 -29.25 6.21 -13.12
C LYS C 33 -29.13 7.23 -11.97
N ILE C 34 -28.61 6.78 -10.85
CA ILE C 34 -28.42 7.65 -9.69
C ILE C 34 -26.96 8.10 -9.67
N SER C 35 -26.73 9.41 -9.48
CA SER C 35 -25.37 9.93 -9.39
C SER C 35 -24.87 9.83 -7.96
N TYR C 36 -23.59 10.09 -7.74
CA TYR C 36 -23.07 9.95 -6.39
C TYR C 36 -21.87 10.82 -6.13
N ILE C 37 -21.68 11.14 -4.85
CA ILE C 37 -20.54 11.92 -4.38
C ILE C 37 -19.89 11.08 -3.32
N ILE C 38 -18.59 10.82 -3.46
CA ILE C 38 -17.86 10.04 -2.48
C ILE C 38 -16.92 10.92 -1.67
N ASP C 39 -17.14 10.93 -0.35
CA ASP C 39 -16.33 11.72 0.56
C ASP C 39 -15.28 10.81 1.16
N ASP C 40 -14.03 11.04 0.81
CA ASP C 40 -12.97 10.11 1.20
C ASP C 40 -11.86 10.80 1.98
N HIS C 41 -11.59 10.28 3.17
CA HIS C 41 -10.59 10.84 4.05
C HIS C 41 -9.32 10.00 4.00
N ASN C 42 -9.50 8.68 3.86
CA ASN C 42 -8.39 7.73 3.97
C ASN C 42 -7.17 8.08 3.13
N LEU C 43 -7.39 8.57 1.92
CA LEU C 43 -6.29 9.04 1.08
C LEU C 43 -6.78 9.88 -0.10
N GLY C 47 -3.57 8.43 -2.21
CA GLY C 47 -4.40 7.99 -3.33
C GLY C 47 -5.69 7.31 -2.85
N SER C 48 -6.84 7.80 -3.31
CA SER C 48 -8.12 7.23 -2.90
C SER C 48 -8.35 5.86 -3.52
N GLU C 49 -8.90 4.92 -2.76
CA GLU C 49 -9.29 3.65 -3.34
C GLU C 49 -10.45 3.82 -4.32
N TYR C 50 -11.06 5.02 -4.34
CA TYR C 50 -12.22 5.25 -5.21
C TYR C 50 -11.95 6.07 -6.46
N SER C 51 -10.67 6.34 -6.75
CA SER C 51 -10.34 7.28 -7.81
C SER C 51 -10.92 6.93 -9.19
N LYS C 52 -11.12 5.64 -9.46
CA LYS C 52 -11.71 5.21 -10.72
C LYS C 52 -13.23 5.43 -10.80
N PHE C 53 -13.85 5.78 -9.68
CA PHE C 53 -15.31 5.85 -9.63
C PHE C 53 -15.89 7.22 -9.92
N GLY C 54 -15.04 8.22 -10.04
CA GLY C 54 -15.53 9.56 -10.31
C GLY C 54 -14.43 10.59 -10.48
N TYR C 55 -14.83 11.78 -10.90
CA TYR C 55 -13.92 12.88 -11.09
C TYR C 55 -13.25 13.27 -9.77
N ASN C 56 -11.94 13.41 -9.79
CA ASN C 56 -11.27 13.81 -8.56
CA ASN C 56 -11.17 13.84 -8.61
C ASN C 56 -11.30 15.34 -8.34
N ALA C 57 -12.23 15.73 -7.47
CA ALA C 57 -12.51 17.14 -7.22
C ALA C 57 -11.38 17.86 -6.49
N THR C 58 -11.09 19.08 -6.93
CA THR C 58 -10.09 19.88 -6.24
C THR C 58 -10.73 21.11 -5.62
N SER C 59 -12.03 21.27 -5.83
CA SER C 59 -12.76 22.39 -5.23
C SER C 59 -14.21 22.02 -5.03
N LEU C 60 -14.92 22.83 -4.26
CA LEU C 60 -16.32 22.58 -3.97
C LEU C 60 -17.15 22.65 -5.23
N SER C 61 -16.83 23.58 -6.13
CA SER C 61 -17.58 23.72 -7.38
C SER C 61 -17.51 22.47 -8.26
N ASP C 62 -16.43 21.70 -8.14
CA ASP C 62 -16.37 20.41 -8.85
C ASP C 62 -17.44 19.44 -8.35
N ILE C 63 -17.71 19.46 -7.04
CA ILE C 63 -18.76 18.61 -6.47
C ILE C 63 -20.08 18.92 -7.15
N VAL C 64 -20.35 20.20 -7.34
CA VAL C 64 -21.57 20.64 -7.99
C VAL C 64 -21.63 20.22 -9.45
N SER C 65 -20.55 20.43 -10.19
CA SER C 65 -20.61 20.35 -11.65
C SER C 65 -20.42 18.94 -12.26
N LYS C 66 -19.80 18.04 -11.51
CA LYS C 66 -19.51 16.69 -12.00
C LYS C 66 -20.54 15.66 -11.58
N GLN C 67 -20.96 14.82 -12.53
CA GLN C 67 -21.96 13.78 -12.28
C GLN C 67 -21.54 12.75 -11.23
N TYR C 68 -20.32 12.24 -11.38
CA TYR C 68 -19.73 11.31 -10.42
C TYR C 68 -18.45 11.93 -9.92
N VAL C 69 -18.31 12.02 -8.61
CA VAL C 69 -17.23 12.81 -8.06
C VAL C 69 -16.68 12.24 -6.77
N VAL C 70 -15.38 12.38 -6.58
CA VAL C 70 -14.71 11.93 -5.39
C VAL C 70 -14.07 13.13 -4.73
N VAL C 71 -14.39 13.36 -3.47
CA VAL C 71 -13.88 14.50 -2.72
C VAL C 71 -12.71 14.11 -1.81
N TYR C 72 -11.58 14.77 -1.98
CA TYR C 72 -10.45 14.57 -1.10
C TYR C 72 -10.63 15.38 0.17
N ASP C 73 -11.14 14.73 1.21
CA ASP C 73 -11.46 15.40 2.46
C ASP C 73 -10.25 15.43 3.37
N ASP C 78 -12.96 21.86 9.94
CA ASP C 78 -13.73 21.48 11.12
C ASP C 78 -15.23 21.61 10.88
N ASP C 79 -15.59 22.51 9.98
CA ASP C 79 -16.98 22.75 9.64
C ASP C 79 -17.25 22.25 8.22
N PHE C 80 -16.38 21.38 7.73
CA PHE C 80 -16.42 20.95 6.33
C PHE C 80 -17.75 20.32 5.90
N PHE C 81 -18.41 19.59 6.80
CA PHE C 81 -19.65 18.93 6.39
C PHE C 81 -20.70 19.88 5.82
N GLU C 82 -20.89 21.05 6.45
CA GLU C 82 -21.90 21.96 5.94
C GLU C 82 -21.57 22.49 4.55
N LYS C 83 -20.28 22.61 4.22
CA LYS C 83 -19.88 22.99 2.86
C LYS C 83 -20.10 21.82 1.89
N LEU C 84 -19.71 20.62 2.31
CA LEU C 84 -19.94 19.40 1.53
C LEU C 84 -21.42 19.24 1.26
N TRP C 85 -22.23 19.48 2.29
CA TRP C 85 -23.69 19.33 2.19
C TRP C 85 -24.32 20.36 1.25
N GLN C 86 -23.91 21.63 1.39
CA GLN C 86 -24.33 22.69 0.48
C GLN C 86 -24.03 22.33 -0.97
N ALA C 87 -22.80 21.95 -1.25
CA ALA C 87 -22.41 21.59 -2.61
C ALA C 87 -23.14 20.33 -3.08
N SER C 88 -23.36 19.37 -2.18
CA SER C 88 -24.09 18.17 -2.57
C SER C 88 -25.52 18.52 -2.98
N LYS C 89 -26.15 19.46 -2.26
CA LYS C 89 -27.51 19.85 -2.57
C LYS C 89 -27.56 20.56 -3.92
N LEU C 90 -26.56 21.41 -4.17
CA LEU C 90 -26.45 22.07 -5.47
C LEU C 90 -26.21 21.06 -6.59
N HIS C 91 -25.44 20.01 -6.30
CA HIS C 91 -25.19 18.92 -7.26
C HIS C 91 -26.50 18.24 -7.63
N SER C 92 -27.34 18.01 -6.63
CA SER C 92 -28.63 17.36 -6.86
C SER C 92 -29.56 18.21 -7.72
N LYS C 93 -29.47 19.54 -7.59
CA LYS C 93 -30.26 20.44 -8.41
C LYS C 93 -29.94 20.20 -9.88
N LYS C 94 -28.66 20.01 -10.17
CA LYS C 94 -28.22 19.77 -11.55
C LYS C 94 -28.51 18.35 -12.03
N TYR C 95 -28.34 17.37 -11.15
CA TYR C 95 -28.32 15.97 -11.57
C TYR C 95 -29.51 15.11 -11.12
N GLY C 96 -30.36 15.62 -10.24
CA GLY C 96 -31.47 14.83 -9.72
C GLY C 96 -31.03 13.88 -8.61
N THR C 97 -31.46 12.62 -8.68
CA THR C 97 -31.09 11.63 -7.66
C THR C 97 -29.58 11.55 -7.42
N THR C 98 -29.22 11.59 -6.14
CA THR C 98 -27.83 11.65 -5.74
C THR C 98 -27.67 10.98 -4.39
N VAL C 99 -26.63 10.18 -4.25
CA VAL C 99 -26.28 9.60 -2.97
C VAL C 99 -24.93 10.16 -2.55
N LEU C 100 -24.88 10.68 -1.34
CA LEU C 100 -23.63 11.14 -0.77
C LEU C 100 -23.04 9.99 0.04
N ILE C 101 -21.86 9.53 -0.38
CA ILE C 101 -21.25 8.36 0.23
C ILE C 101 -20.10 8.80 1.12
N ILE C 102 -20.21 8.52 2.40
CA ILE C 102 -19.21 8.99 3.35
C ILE C 102 -18.40 7.84 3.93
N ASP C 103 -17.13 7.78 3.57
CA ASP C 103 -16.27 6.62 3.89
C ASP C 103 -15.96 6.44 5.38
N GLU C 104 -15.81 7.53 6.12
CA GLU C 104 -15.73 7.42 7.56
C GLU C 104 -16.59 8.48 8.24
N ALA C 105 -17.79 8.09 8.63
CA ALA C 105 -18.79 9.04 9.08
C ALA C 105 -18.45 9.67 10.43
N TYR C 106 -17.53 9.05 11.18
CA TYR C 106 -17.07 9.60 12.46
C TYR C 106 -16.61 11.06 12.34
N TYR C 107 -16.10 11.45 11.17
CA TYR C 107 -15.61 12.82 10.96
C TYR C 107 -16.71 13.87 10.99
N HIS C 108 -17.94 13.46 10.68
CA HIS C 108 -19.02 14.40 10.54
C HIS C 108 -20.20 14.14 11.48
N PHE C 109 -20.36 12.89 11.90
CA PHE C 109 -21.53 12.48 12.69
C PHE C 109 -21.10 11.81 14.00
N LYS C 110 -19.99 12.27 14.55
CA LYS C 110 -19.40 11.68 15.75
C LYS C 110 -20.36 11.72 16.96
N TYR C 111 -20.34 10.67 17.77
CA TYR C 111 -21.06 10.65 19.04
C TYR C 111 -20.66 11.88 19.86
N LYS C 112 -21.67 12.58 20.37
CA LYS C 112 -21.51 13.79 21.18
C LYS C 112 -21.04 15.05 20.43
N GLN C 113 -20.93 14.96 19.10
CA GLN C 113 -20.62 16.14 18.30
C GLN C 113 -21.83 17.05 18.23
N LYS C 114 -21.61 18.36 18.11
CA LYS C 114 -22.71 19.31 18.01
C LYS C 114 -23.55 19.00 16.77
N VAL C 115 -24.86 19.09 16.91
CA VAL C 115 -25.77 18.95 15.78
C VAL C 115 -25.93 20.30 15.11
N THR C 116 -25.52 20.37 13.85
CA THR C 116 -25.57 21.58 13.06
C THR C 116 -26.82 21.54 12.20
N PRO C 117 -27.17 22.69 11.59
CA PRO C 117 -28.32 22.63 10.67
C PRO C 117 -28.09 21.66 9.51
N ALA C 118 -26.85 21.49 9.07
CA ALA C 118 -26.57 20.53 8.01
C ALA C 118 -26.78 19.08 8.47
N ILE C 119 -26.32 18.74 9.67
CA ILE C 119 -26.55 17.42 10.25
C ILE C 119 -28.05 17.17 10.40
N ASP C 120 -28.76 18.19 10.87
CA ASP C 120 -30.19 18.09 11.08
C ASP C 120 -30.93 17.88 9.76
N GLU C 121 -30.56 18.65 8.74
CA GLU C 121 -31.14 18.48 7.42
C GLU C 121 -30.79 17.10 6.85
N ALA C 122 -29.56 16.64 7.04
CA ALA C 122 -29.14 15.37 6.43
C ALA C 122 -29.90 14.19 7.02
N LEU C 123 -30.28 14.30 8.30
CA LEU C 123 -30.94 13.17 8.97
C LEU C 123 -32.45 13.28 9.03
N HIS C 124 -32.97 14.49 8.93
CA HIS C 124 -34.41 14.73 9.13
C HIS C 124 -35.12 15.29 7.92
N ALA C 125 -34.36 15.68 6.89
CA ALA C 125 -34.98 16.27 5.71
C ALA C 125 -34.17 16.02 4.44
N ASN C 126 -33.52 14.86 4.35
CA ASN C 126 -32.67 14.57 3.19
C ASN C 126 -33.46 14.37 1.90
N ARG C 127 -34.66 13.81 2.02
CA ARG C 127 -35.47 13.55 0.84
C ARG C 127 -35.87 14.86 0.17
N HIS C 128 -36.21 15.86 0.98
CA HIS C 128 -36.55 17.18 0.44
C HIS C 128 -35.31 17.80 -0.21
N ALA C 129 -34.14 17.49 0.33
CA ALA C 129 -32.88 17.97 -0.24
C ALA C 129 -32.46 17.18 -1.50
N GLY C 130 -33.14 16.07 -1.77
CA GLY C 130 -32.84 15.24 -2.93
C GLY C 130 -31.63 14.33 -2.77
N LEU C 131 -31.27 14.01 -1.53
CA LEU C 131 -30.03 13.28 -1.26
C LEU C 131 -30.22 12.01 -0.43
N GLY C 132 -29.62 10.92 -0.90
CA GLY C 132 -29.42 9.74 -0.08
C GLY C 132 -28.07 9.84 0.60
N LEU C 133 -27.86 9.01 1.59
CA LEU C 133 -26.61 8.96 2.35
C LEU C 133 -26.17 7.53 2.54
N ILE C 134 -24.88 7.27 2.39
CA ILE C 134 -24.32 6.04 2.93
C ILE C 134 -23.26 6.43 3.93
N LEU C 135 -23.46 6.04 5.17
CA LEU C 135 -22.54 6.42 6.25
C LEU C 135 -21.82 5.19 6.71
N SER C 136 -20.51 5.17 6.49
CA SER C 136 -19.72 4.01 6.86
C SER C 136 -18.86 4.29 8.09
N THR C 137 -18.82 3.35 9.03
CA THR C 137 -18.05 3.56 10.27
C THR C 137 -17.51 2.25 10.85
N GLN C 138 -16.50 2.34 11.70
CA GLN C 138 -15.87 1.16 12.25
C GLN C 138 -16.55 0.57 13.48
N ARG C 139 -17.08 1.43 14.34
CA ARG C 139 -17.71 0.96 15.58
C ARG C 139 -19.10 1.56 15.70
N VAL C 140 -20.07 0.80 16.20
CA VAL C 140 -21.42 1.34 16.29
C VAL C 140 -21.47 2.57 17.20
N TYR C 141 -20.72 2.53 18.30
CA TYR C 141 -20.71 3.65 19.27
C TYR C 141 -19.95 4.88 18.79
N ASP C 142 -19.39 4.83 17.58
CA ASP C 142 -18.67 5.95 16.99
C ASP C 142 -19.59 7.10 16.63
N LEU C 143 -20.84 6.79 16.29
CA LEU C 143 -21.77 7.76 15.73
C LEU C 143 -22.83 8.20 16.72
N MET C 144 -23.41 9.37 16.49
CA MET C 144 -24.54 9.83 17.28
C MET C 144 -25.76 8.95 17.04
N PRO C 145 -26.37 8.45 18.13
CA PRO C 145 -27.50 7.50 18.12
C PRO C 145 -28.64 7.87 17.18
N ILE C 146 -28.88 9.17 17.02
CA ILE C 146 -29.95 9.65 16.14
C ILE C 146 -29.75 9.14 14.70
N VAL C 147 -28.52 8.85 14.33
CA VAL C 147 -28.26 8.29 13.01
C VAL C 147 -28.97 6.95 12.82
N TYR C 148 -28.90 6.09 13.83
CA TYR C 148 -29.54 4.78 13.77
C TYR C 148 -31.05 4.91 13.83
N LYS C 149 -31.53 5.95 14.51
CA LYS C 149 -32.96 6.19 14.61
C LYS C 149 -33.50 6.63 13.26
N GLN C 150 -32.70 7.38 12.51
CA GLN C 150 -33.17 7.98 11.26
C GLN C 150 -32.85 7.18 10.00
N ALA C 151 -31.96 6.19 10.12
CA ALA C 151 -31.56 5.37 8.98
C ALA C 151 -32.75 4.61 8.40
N ASP C 152 -32.65 4.24 7.12
CA ASP C 152 -33.61 3.34 6.50
C ASP C 152 -33.11 1.89 6.51
N LEU C 153 -31.79 1.73 6.33
CA LEU C 153 -31.14 0.43 6.33
C LEU C 153 -29.85 0.52 7.15
N ILE C 154 -29.63 -0.46 8.01
CA ILE C 154 -28.39 -0.57 8.73
C ILE C 154 -27.76 -1.92 8.41
N ILE C 155 -26.51 -1.87 7.96
CA ILE C 155 -25.80 -3.09 7.60
C ILE C 155 -24.74 -3.30 8.67
N MET C 156 -24.64 -4.52 9.20
CA MET C 156 -23.69 -4.81 10.25
C MET C 156 -22.84 -6.03 9.94
N PHE C 157 -21.52 -5.90 10.10
CA PHE C 157 -20.63 -7.06 9.99
C PHE C 157 -20.36 -7.62 11.37
N TYR C 158 -19.69 -8.76 11.43
CA TYR C 158 -19.39 -9.44 12.69
C TYR C 158 -18.81 -8.55 13.80
N THR C 159 -19.36 -8.69 15.01
CA THR C 159 -18.73 -8.14 16.20
C THR C 159 -19.22 -8.86 17.46
N ARG C 160 -18.37 -8.90 18.48
CA ARG C 160 -18.77 -9.40 19.79
C ARG C 160 -18.42 -8.41 20.88
N GLU C 161 -17.88 -7.25 20.48
CA GLU C 161 -17.51 -6.21 21.43
C GLU C 161 -18.73 -5.77 22.23
N PRO C 162 -18.70 -5.99 23.56
CA PRO C 162 -19.82 -5.83 24.48
C PRO C 162 -20.52 -4.47 24.41
N ASN C 163 -19.76 -3.38 24.35
CA ASN C 163 -20.36 -2.06 24.20
C ASN C 163 -21.14 -1.94 22.88
N GLU C 164 -20.55 -2.46 21.81
CA GLU C 164 -21.22 -2.44 20.52
C GLU C 164 -22.56 -3.17 20.56
N LEU C 165 -22.55 -4.36 21.17
CA LEU C 165 -23.77 -5.14 21.31
C LEU C 165 -24.85 -4.39 22.10
N ARG C 166 -24.43 -3.64 23.12
CA ARG C 166 -25.37 -2.83 23.91
C ARG C 166 -26.05 -1.77 23.05
N TRP C 167 -25.26 -1.06 22.26
CA TRP C 167 -25.80 -0.05 21.35
C TRP C 167 -26.73 -0.69 20.33
N ILE C 168 -26.35 -1.84 19.79
CA ILE C 168 -27.18 -2.50 18.79
C ILE C 168 -28.54 -2.89 19.40
N SER C 169 -28.51 -3.50 20.57
CA SER C 169 -29.73 -3.90 21.25
C SER C 169 -30.62 -2.69 21.56
N LYS C 170 -30.00 -1.62 22.05
CA LYS C 170 -30.74 -0.42 22.45
C LYS C 170 -31.24 0.42 21.28
N TYR C 171 -30.43 0.58 20.24
CA TYR C 171 -30.75 1.53 19.18
C TYR C 171 -31.19 0.91 17.86
N ILE C 172 -31.03 -0.40 17.73
CA ILE C 172 -31.30 -1.05 16.45
C ILE C 172 -32.31 -2.16 16.61
N SER C 173 -31.89 -3.30 17.16
CA SER C 173 -32.83 -4.39 17.41
C SER C 173 -32.17 -5.47 18.29
N ALA C 174 -32.97 -6.05 19.18
CA ALA C 174 -32.50 -7.12 20.06
C ALA C 174 -32.01 -8.33 19.29
N GLU C 175 -32.70 -8.66 18.20
CA GLU C 175 -32.30 -9.79 17.37
C GLU C 175 -30.95 -9.55 16.67
N ALA C 176 -30.75 -8.33 16.17
CA ALA C 176 -29.49 -7.95 15.53
C ALA C 176 -28.32 -8.12 16.50
N ALA C 177 -28.55 -7.70 17.74
CA ALA C 177 -27.52 -7.71 18.78
C ALA C 177 -27.07 -9.14 19.09
N GLU C 178 -27.94 -10.11 18.79
CA GLU C 178 -27.57 -11.51 18.96
C GLU C 178 -27.01 -12.11 17.68
N LYS C 179 -27.64 -11.83 16.53
CA LYS C 179 -27.22 -12.45 15.27
C LYS C 179 -25.84 -11.97 14.81
N VAL C 180 -25.50 -10.73 15.15
CA VAL C 180 -24.23 -10.15 14.69
C VAL C 180 -23.03 -10.92 15.26
N LYS C 181 -23.24 -11.56 16.40
CA LYS C 181 -22.19 -12.28 17.12
C LYS C 181 -21.73 -13.54 16.39
N THR C 182 -22.52 -14.05 15.44
CA THR C 182 -22.13 -15.30 14.79
C THR C 182 -22.04 -15.20 13.28
N LEU C 183 -22.02 -13.98 12.78
CA LEU C 183 -21.74 -13.75 11.36
C LEU C 183 -20.36 -14.30 11.01
N LYS C 184 -20.28 -15.02 9.90
CA LYS C 184 -19.00 -15.41 9.32
C LYS C 184 -18.43 -14.25 8.52
N GLN C 185 -17.11 -14.22 8.37
CA GLN C 185 -16.44 -13.15 7.65
C GLN C 185 -17.04 -12.92 6.28
N TYR C 186 -17.27 -11.64 5.97
CA TYR C 186 -17.82 -11.16 4.70
C TYR C 186 -19.34 -11.31 4.57
N HIS C 187 -19.95 -12.05 5.49
CA HIS C 187 -21.42 -12.08 5.62
C HIS C 187 -21.86 -10.88 6.42
N PHE C 188 -23.07 -10.38 6.16
CA PHE C 188 -23.56 -9.19 6.86
C PHE C 188 -25.07 -9.19 7.10
N LEU C 189 -25.48 -8.62 8.22
CA LEU C 189 -26.90 -8.43 8.53
C LEU C 189 -27.39 -7.20 7.80
N ILE C 190 -28.60 -7.28 7.25
CA ILE C 190 -29.27 -6.09 6.78
C ILE C 190 -30.51 -5.89 7.60
N TYR C 191 -30.52 -4.83 8.42
CA TYR C 191 -31.72 -4.49 9.15
C TYR C 191 -32.48 -3.33 8.50
N ASP C 192 -33.73 -3.59 8.14
CA ASP C 192 -34.59 -2.53 7.62
C ASP C 192 -35.27 -1.82 8.78
N VAL C 193 -34.84 -0.59 9.04
CA VAL C 193 -35.35 0.18 10.18
C VAL C 193 -36.87 0.43 10.08
N ASN C 194 -37.37 0.63 8.86
CA ASN C 194 -38.78 0.97 8.66
C ASN C 194 -39.74 -0.20 8.81
N SER C 195 -39.42 -1.32 8.17
CA SER C 195 -40.29 -2.50 8.21
C SER C 195 -39.87 -3.48 9.31
N GLN C 196 -38.68 -3.28 9.86
CA GLN C 196 -38.10 -4.13 10.90
C GLN C 196 -37.75 -5.56 10.44
N THR C 197 -37.61 -5.80 9.15
CA THR C 197 -37.14 -7.10 8.69
C THR C 197 -35.63 -7.23 8.94
N ILE C 198 -35.18 -8.43 9.26
CA ILE C 198 -33.75 -8.70 9.34
C ILE C 198 -33.35 -9.88 8.44
N LYS C 199 -32.23 -9.72 7.74
CA LYS C 199 -31.75 -10.71 6.79
C LYS C 199 -30.25 -10.84 6.93
N ILE C 200 -29.73 -12.06 6.84
CA ILE C 200 -28.29 -12.24 6.76
C ILE C 200 -27.96 -12.39 5.29
N HIS C 201 -27.03 -11.58 4.81
CA HIS C 201 -26.69 -11.58 3.40
C HIS C 201 -25.37 -12.33 3.20
N LYS C 202 -25.29 -13.11 2.13
CA LYS C 202 -24.07 -13.84 1.80
C LYS C 202 -22.99 -12.89 1.26
N PRO C 203 -21.71 -13.31 1.29
CA PRO C 203 -20.67 -12.39 0.82
C PRO C 203 -20.91 -11.96 -0.62
N ILE C 204 -20.56 -10.72 -0.90
CA ILE C 204 -20.67 -10.16 -2.24
C ILE C 204 -19.47 -10.57 -3.06
N LEU C 205 -19.72 -11.02 -4.30
CA LEU C 205 -18.64 -11.27 -5.27
C LEU C 205 -18.66 -10.17 -6.32
N GLU C 206 -19.74 -10.07 -7.08
CA GLU C 206 -19.90 -8.96 -8.03
C GLU C 206 -21.37 -8.71 -8.30
N HIS C 207 -21.69 -7.51 -8.75
CA HIS C 207 -23.03 -7.19 -9.17
C HIS C 207 -23.25 -7.79 -10.57
#